data_6GXZ
#
_entry.id   6GXZ
#
_cell.length_a   135.980
_cell.length_b   42.440
_cell.length_c   112.710
_cell.angle_alpha   90.00
_cell.angle_beta   98.25
_cell.angle_gamma   90.00
#
_symmetry.space_group_name_H-M   'C 1 2 1'
#
loop_
_entity.id
_entity.type
_entity.pdbx_description
1 polymer 'RNA polymerase II-associated protein 3'
2 polymer 'PIH1 domain-containing protein 1'
3 non-polymer 'CALCIUM ION'
4 water water
#
loop_
_entity_poly.entity_id
_entity_poly.type
_entity_poly.pdbx_seq_one_letter_code
_entity_poly.pdbx_strand_id
1 'polypeptide(L)'
;QAISEKDRGNGFFKEGKYERAIECYTRGIAADGANALLPANRAMAYLKIQKYEEAEKDCTQAILLDGSYSKAFARRGTAR
TFLGKLNEAKQDFETVLLLEPGNKQAVTELSKIKKELIEKGHWDDVFLDSTQRQNVVKPIDNPPHPGSTKPLKKVIIEET
GNLIQ
;
A,C
2 'polypeptide(L)'
;GPHMGRAESGPEKPHLNLWLEAPDLLLAEVDLPKLDGALGLSLEIGENRLVMGGPQQLYHLDAYIPLQINSHESKAAFHR
KRKQLMVAMPLLPVPS
;
D,E
#
loop_
_chem_comp.id
_chem_comp.type
_chem_comp.name
_chem_comp.formula
CA non-polymer 'CALCIUM ION' 'Ca 2'
#
# COMPACT_ATOMS: atom_id res chain seq x y z
N ILE A 3 -17.70 17.40 -21.10
CA ILE A 3 -17.72 16.26 -22.02
C ILE A 3 -17.30 15.00 -21.30
N SER A 4 -16.56 15.17 -20.19
CA SER A 4 -16.13 14.04 -19.38
C SER A 4 -17.36 13.23 -18.97
N GLU A 5 -17.26 11.91 -19.08
CA GLU A 5 -18.41 11.07 -18.77
C GLU A 5 -18.80 11.18 -17.31
N LYS A 6 -17.84 11.51 -16.45
CA LYS A 6 -18.15 11.79 -15.05
C LYS A 6 -18.86 13.12 -14.88
N ASP A 7 -18.37 14.16 -15.56
CA ASP A 7 -19.04 15.45 -15.52
C ASP A 7 -20.46 15.36 -16.05
N ARG A 8 -20.66 14.60 -17.13
CA ARG A 8 -22.00 14.39 -17.65
CA ARG A 8 -22.00 14.39 -17.65
C ARG A 8 -22.87 13.64 -16.64
N GLY A 9 -22.28 12.70 -15.92
CA GLY A 9 -23.05 11.98 -14.91
C GLY A 9 -23.44 12.87 -13.75
N ASN A 10 -22.52 13.74 -13.32
CA ASN A 10 -22.83 14.67 -12.24
C ASN A 10 -24.00 15.58 -12.59
N GLY A 11 -24.15 15.95 -13.87
CA GLY A 11 -25.28 16.75 -14.29
C GLY A 11 -26.60 16.07 -14.01
N PHE A 12 -26.73 14.80 -14.42
CA PHE A 12 -27.93 14.05 -14.10
C PHE A 12 -28.13 13.90 -12.60
N PHE A 13 -27.03 13.87 -11.85
CA PHE A 13 -27.15 13.65 -10.41
C PHE A 13 -27.75 14.85 -9.72
N LYS A 14 -27.32 16.06 -10.10
CA LYS A 14 -27.91 17.26 -9.52
C LYS A 14 -29.39 17.36 -9.84
N GLU A 15 -29.78 16.94 -11.04
CA GLU A 15 -31.17 16.92 -11.43
C GLU A 15 -31.95 15.75 -10.82
N GLY A 16 -31.35 15.01 -9.90
CA GLY A 16 -32.04 13.90 -9.26
C GLY A 16 -32.30 12.69 -10.14
N LYS A 17 -31.74 12.66 -11.35
CA LYS A 17 -31.89 11.53 -12.27
C LYS A 17 -30.78 10.52 -11.98
N TYR A 18 -31.02 9.69 -10.97
CA TYR A 18 -29.96 8.85 -10.40
C TYR A 18 -29.59 7.71 -11.34
N GLU A 19 -30.57 7.04 -11.93
CA GLU A 19 -30.28 5.91 -12.80
C GLU A 19 -29.58 6.32 -14.09
N ARG A 20 -29.85 7.53 -14.57
CA ARG A 20 -29.16 8.02 -15.77
C ARG A 20 -27.74 8.49 -15.46
N ALA A 21 -27.47 8.90 -14.22
CA ALA A 21 -26.09 9.23 -13.86
C ALA A 21 -25.25 7.96 -13.71
N ILE A 22 -25.87 6.86 -13.31
CA ILE A 22 -25.13 5.61 -13.17
C ILE A 22 -24.63 5.12 -14.53
N GLU A 23 -25.43 5.33 -15.58
CA GLU A 23 -24.99 4.94 -16.92
C GLU A 23 -23.73 5.69 -17.31
N CYS A 24 -23.70 7.00 -17.05
CA CYS A 24 -22.50 7.76 -17.35
C CYS A 24 -21.34 7.30 -16.47
N TYR A 25 -21.60 7.05 -15.19
CA TYR A 25 -20.54 6.60 -14.30
C TYR A 25 -20.02 5.22 -14.73
N THR A 26 -20.91 4.35 -15.21
CA THR A 26 -20.47 3.07 -15.74
C THR A 26 -19.61 3.26 -16.99
N ARG A 27 -20.06 4.10 -17.91
CA ARG A 27 -19.28 4.36 -19.12
CA ARG A 27 -19.28 4.36 -19.12
C ARG A 27 -17.93 4.98 -18.78
N GLY A 28 -17.87 5.85 -17.76
CA GLY A 28 -16.62 6.43 -17.35
C GLY A 28 -15.70 5.44 -16.66
N ILE A 29 -16.28 4.47 -15.95
CA ILE A 29 -15.48 3.42 -15.30
C ILE A 29 -14.88 2.49 -16.35
N ALA A 30 -15.69 2.07 -17.33
CA ALA A 30 -15.19 1.17 -18.36
C ALA A 30 -14.15 1.85 -19.26
N ALA A 31 -14.07 3.18 -19.24
CA ALA A 31 -13.09 3.91 -20.03
C ALA A 31 -11.91 4.41 -19.21
N ASP A 32 -11.93 4.23 -17.89
CA ASP A 32 -10.84 4.63 -17.02
C ASP A 32 -10.96 3.90 -15.70
N GLY A 33 -10.49 2.64 -15.65
CA GLY A 33 -10.63 1.82 -14.46
C GLY A 33 -9.76 2.23 -13.30
N ALA A 34 -8.79 3.12 -13.52
CA ALA A 34 -7.88 3.55 -12.46
C ALA A 34 -8.41 4.72 -11.64
N ASN A 35 -9.38 5.46 -12.15
CA ASN A 35 -9.87 6.64 -11.45
C ASN A 35 -10.83 6.22 -10.35
N ALA A 36 -10.54 6.63 -9.12
CA ALA A 36 -11.36 6.24 -7.97
C ALA A 36 -12.56 7.16 -7.75
N LEU A 37 -12.63 8.28 -8.47
CA LEU A 37 -13.77 9.18 -8.32
C LEU A 37 -15.03 8.53 -8.89
N LEU A 38 -14.90 7.90 -10.05
CA LEU A 38 -16.06 7.31 -10.72
C LEU A 38 -16.79 6.27 -9.90
N PRO A 39 -16.13 5.26 -9.29
CA PRO A 39 -16.90 4.28 -8.52
C PRO A 39 -17.50 4.88 -7.25
N ALA A 40 -16.80 5.80 -6.60
CA ALA A 40 -17.35 6.46 -5.43
C ALA A 40 -18.57 7.31 -5.81
N ASN A 41 -18.48 8.02 -6.94
CA ASN A 41 -19.63 8.78 -7.40
C ASN A 41 -20.81 7.86 -7.72
N ARG A 42 -20.54 6.72 -8.36
CA ARG A 42 -21.64 5.82 -8.67
C ARG A 42 -22.19 5.14 -7.42
N ALA A 43 -21.34 4.90 -6.42
CA ALA A 43 -21.85 4.39 -5.16
C ALA A 43 -22.75 5.40 -4.47
N MET A 44 -22.44 6.69 -4.62
CA MET A 44 -23.28 7.74 -4.05
CA MET A 44 -23.29 7.71 -4.02
C MET A 44 -24.64 7.78 -4.72
N ALA A 45 -24.67 7.60 -6.04
CA ALA A 45 -25.94 7.56 -6.75
C ALA A 45 -26.72 6.29 -6.42
N TYR A 46 -26.01 5.17 -6.21
CA TYR A 46 -26.68 3.96 -5.77
C TYR A 46 -27.36 4.16 -4.43
N LEU A 47 -26.75 4.93 -3.52
CA LEU A 47 -27.36 5.18 -2.23
C LEU A 47 -28.68 5.93 -2.38
N LYS A 48 -28.74 6.87 -3.33
CA LYS A 48 -29.94 7.65 -3.51
C LYS A 48 -31.14 6.81 -3.94
N ILE A 49 -30.92 5.58 -4.41
CA ILE A 49 -32.00 4.71 -4.82
C ILE A 49 -31.99 3.42 -4.01
N GLN A 50 -31.53 3.52 -2.75
CA GLN A 50 -31.52 2.41 -1.79
C GLN A 50 -30.96 1.12 -2.40
N LYS A 51 -29.91 1.24 -3.20
CA LYS A 51 -29.17 0.08 -3.68
C LYS A 51 -27.89 -0.08 -2.85
N TYR A 52 -28.10 -0.46 -1.59
CA TYR A 52 -27.01 -0.45 -0.62
C TYR A 52 -25.97 -1.54 -0.91
N GLU A 53 -26.42 -2.70 -1.36
CA GLU A 53 -25.49 -3.77 -1.72
C GLU A 53 -24.56 -3.32 -2.84
N GLU A 54 -25.13 -2.77 -3.91
CA GLU A 54 -24.33 -2.31 -5.04
C GLU A 54 -23.43 -1.14 -4.66
N ALA A 55 -23.82 -0.35 -3.66
CA ALA A 55 -22.99 0.79 -3.26
C ALA A 55 -21.75 0.36 -2.48
N GLU A 56 -21.86 -0.75 -1.73
CA GLU A 56 -20.71 -1.21 -0.96
C GLU A 56 -19.58 -1.68 -1.88
N LYS A 57 -19.93 -2.40 -2.94
CA LYS A 57 -18.89 -2.87 -3.86
C LYS A 57 -18.23 -1.70 -4.56
N ASP A 58 -19.02 -0.72 -5.01
CA ASP A 58 -18.43 0.43 -5.68
C ASP A 58 -17.52 1.22 -4.73
N CYS A 59 -17.80 1.18 -3.43
CA CYS A 59 -16.92 1.86 -2.48
C CYS A 59 -15.64 1.07 -2.25
N THR A 60 -15.75 -0.26 -2.14
CA THR A 60 -14.56 -1.07 -1.95
C THR A 60 -13.62 -0.96 -3.15
N GLN A 61 -14.19 -0.95 -4.36
CA GLN A 61 -13.37 -0.74 -5.56
C GLN A 61 -12.59 0.57 -5.46
N ALA A 62 -13.25 1.64 -5.04
CA ALA A 62 -12.57 2.92 -4.90
C ALA A 62 -11.49 2.87 -3.81
N ILE A 63 -11.76 2.14 -2.72
CA ILE A 63 -10.77 2.07 -1.65
C ILE A 63 -9.56 1.27 -2.11
N LEU A 64 -9.78 0.21 -2.90
CA LEU A 64 -8.64 -0.53 -3.44
C LEU A 64 -7.78 0.37 -4.31
N LEU A 65 -8.42 1.18 -5.15
CA LEU A 65 -7.67 2.12 -5.99
C LEU A 65 -6.96 3.17 -5.14
N ASP A 66 -7.71 3.88 -4.28
CA ASP A 66 -7.16 4.90 -3.38
C ASP A 66 -7.43 4.48 -1.94
N GLY A 67 -6.39 4.00 -1.26
CA GLY A 67 -6.50 3.54 0.11
C GLY A 67 -6.69 4.65 1.14
N SER A 68 -6.65 5.91 0.71
CA SER A 68 -6.84 7.05 1.61
C SER A 68 -8.07 7.87 1.26
N TYR A 69 -8.91 7.38 0.35
CA TYR A 69 -10.10 8.11 -0.06
C TYR A 69 -11.06 8.15 1.11
N SER A 70 -11.06 9.25 1.85
CA SER A 70 -11.90 9.36 3.05
C SER A 70 -13.38 9.28 2.70
N LYS A 71 -13.80 9.98 1.64
CA LYS A 71 -15.21 9.98 1.28
C LYS A 71 -15.69 8.59 0.87
N ALA A 72 -14.79 7.75 0.35
CA ALA A 72 -15.17 6.39 -0.01
C ALA A 72 -15.50 5.55 1.22
N PHE A 73 -14.73 5.70 2.29
CA PHE A 73 -15.05 5.01 3.54
C PHE A 73 -16.38 5.49 4.09
N ALA A 74 -16.66 6.79 3.97
CA ALA A 74 -17.89 7.35 4.50
C ALA A 74 -19.11 6.75 3.82
N ARG A 75 -19.08 6.67 2.49
CA ARG A 75 -20.22 6.12 1.77
C ARG A 75 -20.37 4.62 2.04
N ARG A 76 -19.26 3.90 2.14
CA ARG A 76 -19.36 2.48 2.50
C ARG A 76 -19.84 2.31 3.93
N GLY A 77 -19.56 3.28 4.80
CA GLY A 77 -20.05 3.19 6.17
C GLY A 77 -21.56 3.28 6.27
N THR A 78 -22.17 4.27 5.60
CA THR A 78 -23.62 4.36 5.64
C THR A 78 -24.25 3.16 4.96
N ALA A 79 -23.67 2.74 3.83
CA ALA A 79 -24.18 1.57 3.13
C ALA A 79 -24.17 0.34 4.03
N ARG A 80 -23.10 0.16 4.80
CA ARG A 80 -23.01 -1.02 5.65
C ARG A 80 -24.00 -0.96 6.81
N THR A 81 -24.39 0.24 7.25
CA THR A 81 -25.40 0.35 8.30
C THR A 81 -26.75 -0.13 7.82
N PHE A 82 -27.18 0.33 6.64
CA PHE A 82 -28.45 -0.12 6.09
C PHE A 82 -28.44 -1.62 5.85
N LEU A 83 -27.28 -2.19 5.55
CA LEU A 83 -27.16 -3.63 5.39
C LEU A 83 -27.03 -4.36 6.72
N GLY A 84 -26.96 -3.64 7.84
CA GLY A 84 -26.85 -4.27 9.13
C GLY A 84 -25.44 -4.56 9.60
N LYS A 85 -24.44 -4.46 8.71
CA LYS A 85 -23.06 -4.69 9.10
C LYS A 85 -22.56 -3.56 10.00
N LEU A 86 -22.99 -3.55 11.26
CA LEU A 86 -22.69 -2.41 12.13
C LEU A 86 -21.22 -2.38 12.52
N ASN A 87 -20.64 -3.52 12.89
CA ASN A 87 -19.24 -3.55 13.29
C ASN A 87 -18.33 -3.15 12.13
N GLU A 88 -18.67 -3.57 10.91
CA GLU A 88 -17.90 -3.15 9.75
C GLU A 88 -18.12 -1.68 9.45
N ALA A 89 -19.34 -1.18 9.67
CA ALA A 89 -19.59 0.25 9.48
C ALA A 89 -18.81 1.07 10.49
N LYS A 90 -18.76 0.61 11.74
CA LYS A 90 -17.98 1.31 12.77
C LYS A 90 -16.51 1.40 12.37
N GLN A 91 -15.95 0.33 11.78
CA GLN A 91 -14.54 0.37 11.42
C GLN A 91 -14.27 1.33 10.27
N ASP A 92 -15.26 1.57 9.40
CA ASP A 92 -15.07 2.52 8.32
C ASP A 92 -15.11 3.96 8.84
N PHE A 93 -16.11 4.29 9.65
CA PHE A 93 -16.22 5.67 10.14
C PHE A 93 -15.08 6.02 11.08
N GLU A 94 -14.49 5.03 11.75
CA GLU A 94 -13.31 5.34 12.56
C GLU A 94 -12.08 5.57 11.69
N THR A 95 -12.05 4.96 10.50
CA THR A 95 -11.00 5.27 9.53
C THR A 95 -11.14 6.69 9.02
N VAL A 96 -12.37 7.12 8.73
CA VAL A 96 -12.60 8.52 8.36
C VAL A 96 -12.08 9.44 9.44
N LEU A 97 -12.38 9.13 10.70
CA LEU A 97 -11.95 9.96 11.81
C LEU A 97 -10.44 10.06 11.91
N LEU A 98 -9.71 9.10 11.33
CA LEU A 98 -8.25 9.24 11.27
C LEU A 98 -7.81 10.08 10.09
N LEU A 99 -8.45 9.91 8.94
CA LEU A 99 -8.08 10.69 7.76
C LEU A 99 -8.57 12.12 7.86
N GLU A 100 -9.73 12.33 8.49
CA GLU A 100 -10.30 13.67 8.68
C GLU A 100 -10.68 13.82 10.14
N PRO A 101 -9.70 14.10 11.01
CA PRO A 101 -10.01 14.27 12.43
C PRO A 101 -11.03 15.37 12.65
N GLY A 102 -12.11 15.02 13.34
CA GLY A 102 -13.19 15.96 13.57
C GLY A 102 -14.29 15.95 12.54
N ASN A 103 -14.30 14.99 11.63
CA ASN A 103 -15.36 14.89 10.65
C ASN A 103 -16.70 14.71 11.36
N LYS A 104 -17.63 15.64 11.13
CA LYS A 104 -18.84 15.65 11.93
C LYS A 104 -19.76 14.48 11.59
N GLN A 105 -19.82 14.08 10.31
CA GLN A 105 -20.60 12.90 9.96
C GLN A 105 -20.05 11.66 10.64
N ALA A 106 -18.73 11.59 10.80
CA ALA A 106 -18.12 10.42 11.42
C ALA A 106 -18.43 10.37 12.92
N VAL A 107 -18.30 11.51 13.60
CA VAL A 107 -18.53 11.52 15.05
C VAL A 107 -19.99 11.21 15.34
N THR A 108 -20.90 11.74 14.54
CA THR A 108 -22.32 11.47 14.77
C THR A 108 -22.65 10.01 14.54
N GLU A 109 -22.28 9.47 13.38
CA GLU A 109 -22.62 8.09 13.06
C GLU A 109 -21.89 7.09 13.97
N LEU A 110 -20.74 7.46 14.53
CA LEU A 110 -20.06 6.55 15.45
C LEU A 110 -20.83 6.39 16.76
N SER A 111 -21.40 7.47 17.28
CA SER A 111 -22.25 7.35 18.47
C SER A 111 -23.47 6.49 18.18
N LYS A 112 -24.15 6.77 17.06
CA LYS A 112 -25.36 6.04 16.72
C LYS A 112 -25.08 4.56 16.49
N ILE A 113 -23.87 4.21 16.04
CA ILE A 113 -23.54 2.82 15.77
C ILE A 113 -23.10 2.12 17.05
N LYS A 114 -22.21 2.76 17.82
CA LYS A 114 -21.73 2.16 19.06
C LYS A 114 -22.86 1.98 20.07
N LYS A 115 -23.91 2.79 20.00
CA LYS A 115 -25.04 2.57 20.88
C LYS A 115 -25.86 1.37 20.43
N GLU A 116 -26.15 1.27 19.14
CA GLU A 116 -26.93 0.14 18.63
CA GLU A 116 -26.93 0.14 18.64
C GLU A 116 -26.16 -1.17 18.77
N LEU A 117 -24.84 -1.13 18.75
CA LEU A 117 -24.06 -2.34 18.98
C LEU A 117 -24.24 -2.83 20.41
N ILE A 118 -24.23 -1.91 21.37
CA ILE A 118 -24.43 -2.30 22.76
C ILE A 118 -25.87 -2.75 22.99
N GLU A 119 -26.82 -2.08 22.34
CA GLU A 119 -28.22 -2.50 22.46
C GLU A 119 -28.41 -3.93 21.99
N LYS A 120 -27.74 -4.31 20.91
CA LYS A 120 -27.83 -5.68 20.39
C LYS A 120 -26.96 -6.67 21.13
N GLY A 121 -26.12 -6.23 22.08
CA GLY A 121 -25.34 -7.14 22.89
C GLY A 121 -23.90 -7.34 22.47
N HIS A 122 -23.44 -6.69 21.41
CA HIS A 122 -22.05 -6.82 20.95
C HIS A 122 -21.16 -5.89 21.76
N TRP A 123 -21.07 -6.20 23.06
CA TRP A 123 -20.29 -5.37 23.96
C TRP A 123 -18.81 -5.35 23.57
N ASP A 124 -18.25 -6.52 23.27
CA ASP A 124 -16.82 -6.59 22.99
C ASP A 124 -16.46 -5.80 21.75
N ASP A 125 -17.37 -5.73 20.77
CA ASP A 125 -17.08 -4.98 19.54
C ASP A 125 -16.87 -3.51 19.84
N VAL A 126 -17.45 -3.00 20.92
CA VAL A 126 -17.26 -1.61 21.31
C VAL A 126 -16.13 -1.47 22.31
N PHE A 127 -16.16 -2.27 23.37
CA PHE A 127 -15.23 -2.08 24.49
C PHE A 127 -13.81 -2.52 24.13
N LEU A 128 -13.67 -3.63 23.43
CA LEU A 128 -12.33 -4.13 23.13
C LEU A 128 -11.67 -3.34 22.01
N ASP A 129 -12.40 -3.12 20.91
CA ASP A 129 -11.87 -2.40 19.76
C ASP A 129 -11.86 -0.87 19.97
N SER A 130 -11.98 -0.41 21.21
CA SER A 130 -12.10 1.02 21.46
C SER A 130 -10.74 1.72 21.36
N THR A 131 -10.75 2.89 20.73
CA THR A 131 -9.55 3.71 20.59
C THR A 131 -9.50 4.86 21.58
N GLN A 132 -10.65 5.33 22.05
CA GLN A 132 -10.72 6.52 22.90
C GLN A 132 -10.53 6.19 24.38
N ARG A 133 -9.76 5.17 24.72
CA ARG A 133 -9.56 4.78 26.11
C ARG A 133 -8.77 5.82 26.91
N GLN A 134 -8.14 6.79 26.25
CA GLN A 134 -7.36 7.81 26.94
C GLN A 134 -8.17 9.03 27.33
N ASN A 135 -9.41 9.17 26.83
CA ASN A 135 -10.30 10.26 27.26
C ASN A 135 -10.82 9.98 28.66
N VAL A 136 -9.89 9.91 29.61
CA VAL A 136 -10.25 9.49 30.96
C VAL A 136 -11.24 10.46 31.59
N VAL A 137 -12.08 9.96 32.49
CA VAL A 137 -13.05 10.76 33.23
C VAL A 137 -12.85 10.42 34.71
N LYS A 138 -12.22 11.33 35.46
CA LYS A 138 -11.87 11.05 36.85
C LYS A 138 -13.07 11.30 37.77
N PRO A 139 -13.52 10.29 38.54
CA PRO A 139 -14.64 10.44 39.48
C PRO A 139 -14.39 11.45 40.60
N LYS A 150 -32.22 13.83 43.89
CA LYS A 150 -31.47 12.96 42.99
C LYS A 150 -31.85 11.49 43.20
N PRO A 151 -32.93 11.05 42.55
CA PRO A 151 -33.33 9.64 42.67
C PRO A 151 -32.50 8.73 41.76
N LEU A 152 -32.17 7.55 42.28
CA LEU A 152 -31.37 6.57 41.56
C LEU A 152 -32.25 5.71 40.65
N LYS A 153 -31.60 4.97 39.75
CA LYS A 153 -32.30 4.12 38.78
C LYS A 153 -31.66 2.75 38.77
N LYS A 154 -32.48 1.72 39.00
CA LYS A 154 -31.99 0.34 39.00
C LYS A 154 -31.81 -0.14 37.57
N VAL A 155 -30.58 -0.55 37.24
CA VAL A 155 -30.23 -1.02 35.91
C VAL A 155 -29.94 -2.50 36.00
N ILE A 156 -30.70 -3.31 35.25
CA ILE A 156 -30.49 -4.75 35.28
C ILE A 156 -29.19 -5.09 34.56
N ILE A 157 -28.56 -6.17 35.01
CA ILE A 157 -27.22 -6.55 34.53
C ILE A 157 -27.38 -7.86 33.76
N GLU A 158 -27.40 -7.76 32.44
CA GLU A 158 -27.37 -8.95 31.60
C GLU A 158 -25.99 -9.58 31.62
N GLU A 159 -25.82 -10.69 30.90
CA GLU A 159 -24.57 -11.41 30.81
C GLU A 159 -24.07 -11.45 29.37
N THR A 160 -22.77 -11.74 29.20
CA THR A 160 -22.18 -11.75 27.88
C THR A 160 -20.95 -12.66 27.84
N GLY A 161 -20.67 -13.18 26.64
CA GLY A 161 -19.54 -14.07 26.42
C GLY A 161 -19.87 -15.55 26.43
N ILE B 3 -19.91 -20.55 -16.69
CA ILE B 3 -18.58 -20.32 -17.25
C ILE B 3 -18.15 -18.86 -17.03
N SER B 4 -17.13 -18.70 -16.18
CA SER B 4 -16.59 -17.39 -15.86
C SER B 4 -16.15 -16.62 -17.09
N GLU B 5 -16.43 -15.32 -17.10
CA GLU B 5 -16.07 -14.47 -18.24
C GLU B 5 -14.56 -14.39 -18.44
N LYS B 6 -13.79 -14.52 -17.37
CA LYS B 6 -12.33 -14.61 -17.51
C LYS B 6 -11.92 -15.97 -18.06
N ASP B 7 -12.51 -17.05 -17.52
CA ASP B 7 -12.22 -18.37 -18.05
C ASP B 7 -12.60 -18.46 -19.52
N ARG B 8 -13.66 -17.77 -19.93
CA ARG B 8 -13.99 -17.71 -21.35
C ARG B 8 -12.96 -16.91 -22.12
N GLY B 9 -12.54 -15.76 -21.59
CA GLY B 9 -11.52 -14.99 -22.26
C GLY B 9 -10.21 -15.73 -22.36
N ASN B 10 -9.84 -16.47 -21.32
CA ASN B 10 -8.62 -17.28 -21.39
C ASN B 10 -8.68 -18.28 -22.54
N GLY B 11 -9.86 -18.83 -22.82
CA GLY B 11 -9.98 -19.75 -23.94
C GLY B 11 -9.61 -19.11 -25.27
N PHE B 12 -10.17 -17.92 -25.54
CA PHE B 12 -9.82 -17.20 -26.75
C PHE B 12 -8.35 -16.85 -26.79
N PHE B 13 -7.72 -16.71 -25.62
CA PHE B 13 -6.30 -16.37 -25.57
C PHE B 13 -5.44 -17.56 -25.99
N LYS B 14 -5.77 -18.75 -25.49
CA LYS B 14 -5.03 -19.95 -25.88
C LYS B 14 -5.14 -20.21 -27.37
N GLU B 15 -6.33 -19.95 -27.95
CA GLU B 15 -6.55 -20.09 -29.38
C GLU B 15 -5.92 -19.00 -30.19
N GLY B 16 -5.11 -18.14 -29.57
CA GLY B 16 -4.49 -17.05 -30.30
C GLY B 16 -5.43 -15.97 -30.76
N LYS B 17 -6.70 -16.01 -30.34
CA LYS B 17 -7.67 -14.99 -30.71
C LYS B 17 -7.61 -13.90 -29.65
N TYR B 18 -6.63 -13.00 -29.81
CA TYR B 18 -6.33 -12.04 -28.75
C TYR B 18 -7.39 -10.96 -28.65
N GLU B 19 -7.81 -10.40 -29.78
CA GLU B 19 -8.79 -9.31 -29.73
C GLU B 19 -10.15 -9.80 -29.25
N ARG B 20 -10.47 -11.08 -29.46
CA ARG B 20 -11.72 -11.63 -28.97
C ARG B 20 -11.65 -11.94 -27.47
N ALA B 21 -10.45 -12.19 -26.94
CA ALA B 21 -10.30 -12.37 -25.50
C ALA B 21 -10.37 -11.04 -24.76
N ILE B 22 -9.95 -9.95 -25.41
CA ILE B 22 -10.03 -8.63 -24.78
C ILE B 22 -11.49 -8.24 -24.52
N GLU B 23 -12.37 -8.60 -25.46
CA GLU B 23 -13.79 -8.32 -25.26
C GLU B 23 -14.31 -8.99 -24.01
N CYS B 24 -13.96 -10.27 -23.80
CA CYS B 24 -14.37 -10.96 -22.59
C CYS B 24 -13.73 -10.33 -21.36
N TYR B 25 -12.46 -9.96 -21.46
CA TYR B 25 -11.80 -9.31 -20.34
C TYR B 25 -12.43 -7.95 -20.05
N THR B 26 -12.80 -7.21 -21.09
CA THR B 26 -13.50 -5.94 -20.88
C THR B 26 -14.85 -6.17 -20.22
N ARG B 27 -15.58 -7.21 -20.65
CA ARG B 27 -16.86 -7.52 -20.02
C ARG B 27 -16.68 -8.07 -18.60
N GLY B 28 -15.57 -8.75 -18.32
CA GLY B 28 -15.34 -9.19 -16.97
C GLY B 28 -14.98 -8.05 -16.03
N ILE B 29 -14.27 -7.04 -16.55
CA ILE B 29 -13.94 -5.88 -15.74
C ILE B 29 -15.18 -5.09 -15.41
N ALA B 30 -16.05 -4.89 -16.39
CA ALA B 30 -17.28 -4.13 -16.18
C ALA B 30 -18.22 -4.84 -15.21
N ALA B 31 -18.00 -6.11 -14.93
CA ALA B 31 -18.81 -6.85 -13.98
C ALA B 31 -18.12 -7.05 -12.63
N ASP B 32 -16.84 -6.70 -12.52
CA ASP B 32 -16.09 -6.87 -11.28
C ASP B 32 -14.86 -6.00 -11.30
N GLY B 33 -15.00 -4.72 -10.95
CA GLY B 33 -13.88 -3.80 -11.00
C GLY B 33 -12.82 -4.03 -9.94
N ALA B 34 -13.13 -4.86 -8.94
CA ALA B 34 -12.18 -5.13 -7.86
C ALA B 34 -11.20 -6.25 -8.19
N ASN B 35 -11.51 -7.07 -9.20
CA ASN B 35 -10.67 -8.22 -9.55
C ASN B 35 -9.46 -7.75 -10.33
N ALA B 36 -8.27 -8.08 -9.84
CA ALA B 36 -7.05 -7.66 -10.52
C ALA B 36 -6.61 -8.62 -11.62
N LEU B 37 -7.18 -9.83 -11.68
CA LEU B 37 -6.79 -10.77 -12.74
C LEU B 37 -7.25 -10.29 -14.11
N LEU B 38 -8.48 -9.77 -14.19
CA LEU B 38 -9.01 -9.37 -15.49
C LEU B 38 -8.17 -8.28 -16.16
N PRO B 39 -7.82 -7.17 -15.51
CA PRO B 39 -7.03 -6.15 -16.21
C PRO B 39 -5.62 -6.61 -16.54
N ALA B 40 -4.99 -7.39 -15.67
CA ALA B 40 -3.66 -7.91 -15.95
C ALA B 40 -3.68 -8.85 -17.15
N ASN B 41 -4.68 -9.74 -17.21
CA ASN B 41 -4.81 -10.61 -18.36
C ASN B 41 -5.06 -9.80 -19.63
N ARG B 42 -5.88 -8.76 -19.54
CA ARG B 42 -6.15 -7.97 -20.71
C ARG B 42 -4.91 -7.21 -21.16
N ALA B 43 -4.06 -6.82 -20.22
CA ALA B 43 -2.78 -6.21 -20.59
C ALA B 43 -1.90 -7.22 -21.32
N MET B 44 -1.90 -8.48 -20.87
CA MET B 44 -1.12 -9.51 -21.55
CA MET B 44 -1.14 -9.52 -21.55
C MET B 44 -1.60 -9.70 -22.99
N ALA B 45 -2.93 -9.62 -23.22
CA ALA B 45 -3.43 -9.72 -24.57
C ALA B 45 -3.12 -8.48 -25.39
N TYR B 46 -3.11 -7.31 -24.74
CA TYR B 46 -2.71 -6.08 -25.41
C TYR B 46 -1.25 -6.18 -25.89
N LEU B 47 -0.40 -6.80 -25.07
CA LEU B 47 1.00 -6.96 -25.46
C LEU B 47 1.12 -7.85 -26.70
N LYS B 48 0.30 -8.90 -26.79
CA LYS B 48 0.37 -9.79 -27.93
C LYS B 48 -0.01 -9.10 -29.24
N ILE B 49 -0.63 -7.92 -29.18
CA ILE B 49 -0.98 -7.20 -30.39
C ILE B 49 -0.30 -5.83 -30.37
N GLN B 50 0.88 -5.77 -29.75
CA GLN B 50 1.76 -4.60 -29.64
C GLN B 50 1.02 -3.30 -29.32
N LYS B 51 0.01 -3.38 -28.45
CA LYS B 51 -0.67 -2.21 -27.91
C LYS B 51 -0.10 -1.89 -26.53
N TYR B 52 1.15 -1.40 -26.56
CA TYR B 52 1.93 -1.29 -25.33
C TYR B 52 1.37 -0.23 -24.39
N GLU B 53 0.90 0.90 -24.94
CA GLU B 53 0.33 1.94 -24.08
CA GLU B 53 0.33 1.94 -24.08
C GLU B 53 -0.92 1.44 -23.36
N GLU B 54 -1.78 0.69 -24.08
CA GLU B 54 -2.99 0.17 -23.47
C GLU B 54 -2.66 -0.89 -22.42
N ALA B 55 -1.56 -1.62 -22.59
CA ALA B 55 -1.19 -2.63 -21.62
C ALA B 55 -0.60 -2.02 -20.36
N GLU B 56 0.04 -0.86 -20.49
CA GLU B 56 0.62 -0.18 -19.32
C GLU B 56 -0.46 0.32 -18.39
N LYS B 57 -1.56 0.87 -18.94
CA LYS B 57 -2.65 1.34 -18.11
C LYS B 57 -3.35 0.18 -17.41
N ASP B 58 -3.59 -0.91 -18.14
CA ASP B 58 -4.25 -2.05 -17.53
C ASP B 58 -3.41 -2.68 -16.43
N CYS B 59 -2.09 -2.57 -16.53
CA CYS B 59 -1.23 -3.12 -15.49
C CYS B 59 -1.22 -2.23 -14.26
N THR B 60 -1.20 -0.91 -14.44
CA THR B 60 -1.25 -0.02 -13.29
C THR B 60 -2.55 -0.20 -12.52
N GLN B 61 -3.67 -0.33 -13.23
CA GLN B 61 -4.95 -0.59 -12.59
C GLN B 61 -4.87 -1.81 -11.69
N ALA B 62 -4.26 -2.90 -12.18
CA ALA B 62 -4.10 -4.09 -11.36
C ALA B 62 -3.21 -3.83 -10.16
N ILE B 63 -2.17 -3.02 -10.32
CA ILE B 63 -1.29 -2.72 -9.20
C ILE B 63 -2.02 -1.87 -8.17
N LEU B 64 -2.87 -0.96 -8.62
CA LEU B 64 -3.68 -0.20 -7.68
C LEU B 64 -4.59 -1.12 -6.89
N LEU B 65 -5.26 -2.06 -7.57
CA LEU B 65 -6.10 -3.03 -6.88
C LEU B 65 -5.28 -3.94 -5.97
N ASP B 66 -4.27 -4.60 -6.52
CA ASP B 66 -3.37 -5.47 -5.77
C ASP B 66 -1.95 -4.92 -5.89
N GLY B 67 -1.48 -4.28 -4.82
CA GLY B 67 -0.13 -3.72 -4.83
C GLY B 67 0.98 -4.74 -4.79
N SER B 68 0.65 -6.02 -4.65
CA SER B 68 1.66 -7.08 -4.58
C SER B 68 1.54 -8.07 -5.73
N TYR B 69 0.71 -7.79 -6.72
CA TYR B 69 0.55 -8.70 -7.85
C TYR B 69 1.85 -8.69 -8.64
N SER B 70 2.68 -9.72 -8.41
CA SER B 70 3.99 -9.77 -9.05
C SER B 70 3.88 -9.80 -10.57
N LYS B 71 2.96 -10.62 -11.09
CA LYS B 71 2.83 -10.72 -12.55
C LYS B 71 2.41 -9.40 -13.18
N ALA B 72 1.70 -8.55 -12.42
CA ALA B 72 1.29 -7.27 -12.98
C ALA B 72 2.50 -6.37 -13.25
N PHE B 73 3.47 -6.35 -12.34
CA PHE B 73 4.68 -5.57 -12.57
C PHE B 73 5.46 -6.09 -13.77
N ALA B 74 5.52 -7.41 -13.93
CA ALA B 74 6.30 -8.00 -15.02
C ALA B 74 5.75 -7.59 -16.38
N ARG B 75 4.43 -7.68 -16.56
CA ARG B 75 3.85 -7.28 -17.83
C ARG B 75 3.97 -5.79 -18.06
N ARG B 76 3.85 -4.98 -16.99
CA ARG B 76 4.07 -3.56 -17.15
C ARG B 76 5.52 -3.23 -17.44
N GLY B 77 6.45 -4.07 -16.97
CA GLY B 77 7.84 -3.87 -17.27
C GLY B 77 8.15 -4.03 -18.74
N THR B 78 7.65 -5.11 -19.34
CA THR B 78 7.88 -5.30 -20.78
C THR B 78 7.20 -4.19 -21.57
N ALA B 79 5.99 -3.81 -21.16
CA ALA B 79 5.32 -2.69 -21.82
C ALA B 79 6.17 -1.44 -21.77
N ARG B 80 6.78 -1.15 -20.61
CA ARG B 80 7.58 0.06 -20.48
C ARG B 80 8.86 -0.01 -21.32
N THR B 81 9.40 -1.21 -21.56
CA THR B 81 10.58 -1.34 -22.41
C THR B 81 10.27 -0.95 -23.85
N PHE B 82 9.17 -1.49 -24.40
CA PHE B 82 8.80 -1.14 -25.77
C PHE B 82 8.47 0.34 -25.90
N LEU B 83 7.97 0.96 -24.84
CA LEU B 83 7.69 2.39 -24.87
C LEU B 83 8.92 3.25 -24.59
N GLY B 84 10.06 2.64 -24.29
CA GLY B 84 11.27 3.38 -24.00
C GLY B 84 11.44 3.78 -22.56
N LYS B 85 10.41 3.63 -21.73
CA LYS B 85 10.52 3.99 -20.32
C LYS B 85 11.43 3.00 -19.60
N LEU B 86 12.75 3.09 -19.84
CA LEU B 86 13.65 2.08 -19.34
C LEU B 86 13.83 2.16 -17.83
N ASN B 87 14.00 3.37 -17.29
CA ASN B 87 14.19 3.48 -15.85
C ASN B 87 12.94 3.00 -15.11
N GLU B 88 11.76 3.29 -15.66
CA GLU B 88 10.53 2.78 -15.06
C GLU B 88 10.46 1.27 -15.22
N ALA B 89 10.92 0.74 -16.36
CA ALA B 89 10.92 -0.70 -16.56
C ALA B 89 11.85 -1.39 -15.56
N LYS B 90 13.04 -0.83 -15.35
CA LYS B 90 13.95 -1.40 -14.36
C LYS B 90 13.30 -1.42 -12.97
N GLN B 91 12.55 -0.37 -12.63
CA GLN B 91 11.93 -0.32 -11.30
C GLN B 91 10.83 -1.36 -11.14
N ASP B 92 10.19 -1.77 -12.23
CA ASP B 92 9.17 -2.81 -12.12
C ASP B 92 9.81 -4.18 -11.97
N PHE B 93 10.77 -4.51 -12.84
CA PHE B 93 11.38 -5.83 -12.78
C PHE B 93 12.19 -6.01 -11.52
N GLU B 94 12.69 -4.94 -10.93
CA GLU B 94 13.36 -5.09 -9.64
C GLU B 94 12.35 -5.27 -8.52
N THR B 95 11.13 -4.74 -8.69
CA THR B 95 10.05 -5.05 -7.75
C THR B 95 9.64 -6.52 -7.84
N VAL B 96 9.55 -7.07 -9.05
CA VAL B 96 9.26 -8.49 -9.21
C VAL B 96 10.30 -9.32 -8.47
N LEU B 97 11.58 -8.98 -8.63
CA LEU B 97 12.65 -9.72 -8.00
C LEU B 97 12.54 -9.69 -6.48
N LEU B 98 11.82 -8.73 -5.92
CA LEU B 98 11.57 -8.75 -4.49
C LEU B 98 10.40 -9.67 -4.14
N LEU B 99 9.35 -9.64 -4.95
CA LEU B 99 8.19 -10.50 -4.69
C LEU B 99 8.46 -11.96 -5.04
N GLU B 100 9.27 -12.22 -6.07
CA GLU B 100 9.60 -13.58 -6.49
C GLU B 100 11.12 -13.69 -6.64
N PRO B 101 11.84 -13.83 -5.54
CA PRO B 101 13.31 -13.87 -5.61
C PRO B 101 13.81 -14.97 -6.52
N GLY B 102 14.65 -14.58 -7.49
CA GLY B 102 15.20 -15.49 -8.45
C GLY B 102 14.39 -15.65 -9.73
N ASN B 103 13.38 -14.82 -9.94
CA ASN B 103 12.58 -14.91 -11.16
C ASN B 103 13.46 -14.76 -12.38
N LYS B 104 13.46 -15.76 -13.25
CA LYS B 104 14.43 -15.76 -14.35
C LYS B 104 14.12 -14.68 -15.39
N GLN B 105 12.83 -14.40 -15.64
CA GLN B 105 12.51 -13.29 -16.54
C GLN B 105 13.02 -11.97 -15.98
N ALA B 106 13.00 -11.80 -14.66
CA ALA B 106 13.42 -10.54 -14.07
C ALA B 106 14.94 -10.36 -14.18
N VAL B 107 15.71 -11.39 -13.85
CA VAL B 107 17.16 -11.24 -13.88
C VAL B 107 17.64 -10.98 -15.30
N THR B 108 17.07 -11.69 -16.28
CA THR B 108 17.49 -11.50 -17.67
C THR B 108 17.10 -10.10 -18.18
N GLU B 109 15.85 -9.69 -17.97
CA GLU B 109 15.42 -8.38 -18.46
C GLU B 109 16.14 -7.25 -17.71
N LEU B 110 16.56 -7.49 -16.48
CA LEU B 110 17.32 -6.47 -15.75
C LEU B 110 18.70 -6.24 -16.37
N SER B 111 19.36 -7.31 -16.83
CA SER B 111 20.62 -7.14 -17.54
C SER B 111 20.41 -6.38 -18.84
N LYS B 112 19.39 -6.77 -19.61
CA LYS B 112 19.14 -6.12 -20.89
C LYS B 112 18.76 -4.65 -20.71
N ILE B 113 18.15 -4.30 -19.58
CA ILE B 113 17.74 -2.91 -19.36
C ILE B 113 18.89 -2.09 -18.81
N LYS B 114 19.58 -2.60 -17.78
CA LYS B 114 20.70 -1.85 -17.21
C LYS B 114 21.83 -1.69 -18.22
N LYS B 115 21.93 -2.58 -19.20
CA LYS B 115 22.93 -2.40 -20.24
C LYS B 115 22.54 -1.27 -21.18
N GLU B 116 21.28 -1.27 -21.65
CA GLU B 116 20.82 -0.20 -22.53
CA GLU B 116 20.84 -0.20 -22.54
C GLU B 116 20.79 1.14 -21.82
N LEU B 117 20.51 1.13 -20.51
CA LEU B 117 20.55 2.38 -19.76
C LEU B 117 21.95 2.98 -19.78
N ILE B 118 22.97 2.14 -19.63
CA ILE B 118 24.33 2.65 -19.63
C ILE B 118 24.73 3.13 -21.01
N GLU B 119 24.30 2.42 -22.06
CA GLU B 119 24.60 2.87 -23.41
C GLU B 119 24.00 4.25 -23.67
N LYS B 120 22.81 4.52 -23.14
CA LYS B 120 22.17 5.81 -23.35
C LYS B 120 22.73 6.90 -22.45
N GLY B 121 23.63 6.57 -21.53
CA GLY B 121 24.26 7.57 -20.69
C GLY B 121 23.65 7.72 -19.31
N HIS B 122 22.62 6.94 -18.99
CA HIS B 122 21.96 7.00 -17.68
C HIS B 122 22.72 6.16 -16.66
N TRP B 123 23.95 6.62 -16.38
CA TRP B 123 24.79 5.90 -15.42
C TRP B 123 24.18 5.93 -14.02
N ASP B 124 23.69 7.09 -13.58
CA ASP B 124 23.17 7.19 -12.23
C ASP B 124 21.96 6.31 -12.00
N ASP B 125 21.14 6.09 -13.04
CA ASP B 125 19.97 5.24 -12.89
C ASP B 125 20.37 3.82 -12.53
N VAL B 126 21.55 3.37 -12.94
CA VAL B 126 22.00 2.01 -12.62
C VAL B 126 22.83 1.98 -11.35
N PHE B 127 23.84 2.85 -11.24
CA PHE B 127 24.80 2.74 -10.16
C PHE B 127 24.21 3.17 -8.82
N LEU B 128 23.43 4.25 -8.80
CA LEU B 128 22.92 4.77 -7.54
C LEU B 128 21.80 3.89 -6.98
N ASP B 129 20.83 3.54 -7.82
CA ASP B 129 19.70 2.72 -7.38
C ASP B 129 20.06 1.23 -7.26
N SER B 130 21.33 0.89 -7.26
CA SER B 130 21.73 -0.52 -7.27
C SER B 130 21.60 -1.13 -5.88
N THR B 131 21.04 -2.34 -5.84
CA THR B 131 20.89 -3.10 -4.61
C THR B 131 21.95 -4.20 -4.46
N GLN B 132 22.54 -4.66 -5.56
CA GLN B 132 23.46 -5.79 -5.52
C GLN B 132 24.91 -5.37 -5.24
N ARG B 133 25.12 -4.27 -4.50
CA ARG B 133 26.48 -3.80 -4.24
C ARG B 133 27.26 -4.74 -3.32
N GLN B 134 26.57 -5.53 -2.50
CA GLN B 134 27.25 -6.43 -1.59
CA GLN B 134 27.25 -6.44 -1.58
C GLN B 134 27.77 -7.69 -2.27
N ASN B 135 27.47 -7.87 -3.56
CA ASN B 135 27.95 -9.02 -4.33
C ASN B 135 29.38 -8.79 -4.80
N VAL B 136 30.29 -8.69 -3.82
CA VAL B 136 31.66 -8.25 -4.05
C VAL B 136 32.41 -9.23 -4.96
N VAL B 137 33.38 -8.69 -5.69
CA VAL B 137 34.27 -9.47 -6.55
C VAL B 137 35.69 -9.06 -6.18
N LYS B 138 36.40 -9.90 -5.43
CA LYS B 138 37.73 -9.54 -4.94
C LYS B 138 38.77 -9.84 -6.01
N PRO B 139 39.60 -8.86 -6.39
CA PRO B 139 40.63 -9.12 -7.41
C PRO B 139 41.63 -10.18 -6.96
N ILE B 140 42.46 -10.61 -7.90
CA ILE B 140 43.44 -11.65 -7.66
C ILE B 140 44.84 -11.07 -7.83
N ASP B 141 45.87 -11.90 -7.60
CA ASP B 141 47.27 -11.45 -7.69
C ASP B 141 47.78 -11.53 -9.13
N ASN B 142 47.86 -12.73 -9.66
CA ASN B 142 48.47 -12.98 -10.95
C ASN B 142 47.41 -13.25 -12.00
N PRO B 143 47.74 -13.04 -13.28
CA PRO B 143 46.86 -13.50 -14.35
C PRO B 143 46.82 -15.01 -14.41
N PRO B 144 45.62 -15.61 -14.38
CA PRO B 144 45.44 -17.06 -14.47
C PRO B 144 45.42 -17.56 -15.93
N LYS B 150 44.27 -11.84 -23.79
CA LYS B 150 45.63 -11.38 -23.53
C LYS B 150 45.87 -9.91 -23.93
N PRO B 151 45.47 -9.48 -25.14
CA PRO B 151 45.65 -8.06 -25.49
C PRO B 151 44.60 -7.17 -24.86
N LEU B 152 45.02 -5.97 -24.45
CA LEU B 152 44.14 -5.03 -23.79
C LEU B 152 43.36 -4.20 -24.80
N LYS B 153 42.31 -3.54 -24.32
CA LYS B 153 41.41 -2.75 -25.16
C LYS B 153 41.23 -1.38 -24.54
N LYS B 154 41.53 -0.34 -25.33
CA LYS B 154 41.41 1.03 -24.84
C LYS B 154 39.93 1.40 -24.80
N VAL B 155 39.47 1.82 -23.62
CA VAL B 155 38.10 2.22 -23.37
C VAL B 155 38.09 3.73 -23.12
N ILE B 156 37.36 4.48 -23.95
CA ILE B 156 37.29 5.93 -23.74
C ILE B 156 36.41 6.21 -22.54
N ILE B 157 36.69 7.33 -21.87
CA ILE B 157 36.02 7.70 -20.63
C ILE B 157 35.17 8.92 -20.94
N GLU B 158 33.87 8.73 -21.13
CA GLU B 158 32.98 9.87 -21.26
C GLU B 158 32.81 10.56 -19.89
N GLU B 159 32.03 11.64 -19.87
CA GLU B 159 31.74 12.35 -18.63
C GLU B 159 30.25 12.34 -18.35
N THR B 160 29.90 12.59 -17.09
CA THR B 160 28.50 12.58 -16.69
C THR B 160 28.33 13.44 -15.44
N GLY B 161 27.14 14.04 -15.31
CA GLY B 161 26.84 14.87 -14.16
C GLY B 161 27.08 16.35 -14.42
N ASN B 162 26.49 16.89 -15.49
CA ASN B 162 26.77 18.25 -15.93
C ASN B 162 25.53 19.11 -16.14
N LEU B 163 24.33 18.54 -16.18
CA LEU B 163 23.10 19.29 -16.42
C LEU B 163 23.15 20.08 -17.72
N SER C 9 58.30 9.76 -3.32
CA SER C 9 56.95 10.05 -3.79
C SER C 9 56.55 9.13 -4.95
N GLY C 10 55.26 9.14 -5.30
CA GLY C 10 54.77 8.34 -6.40
C GLY C 10 53.26 8.29 -6.47
N PRO C 11 52.71 7.72 -7.54
CA PRO C 11 51.27 7.58 -7.66
C PRO C 11 50.69 6.60 -6.64
N GLU C 12 49.51 6.91 -6.14
CA GLU C 12 48.85 6.09 -5.14
C GLU C 12 47.79 5.20 -5.79
N LYS C 13 47.56 4.05 -5.18
CA LYS C 13 46.57 3.09 -5.68
C LYS C 13 45.19 3.45 -5.12
N PRO C 14 44.21 3.76 -5.97
CA PRO C 14 42.92 4.24 -5.48
C PRO C 14 42.09 3.10 -4.90
N HIS C 15 40.91 3.47 -4.42
CA HIS C 15 39.97 2.52 -3.86
C HIS C 15 39.03 2.02 -4.96
N LEU C 16 38.91 0.71 -5.09
CA LEU C 16 38.14 0.09 -6.15
C LEU C 16 36.97 -0.68 -5.55
N ASN C 17 35.80 -0.54 -6.17
CA ASN C 17 34.62 -1.30 -5.81
C ASN C 17 34.19 -2.14 -6.99
N LEU C 18 34.06 -3.44 -6.76
CA LEU C 18 33.67 -4.39 -7.79
C LEU C 18 32.49 -5.20 -7.27
N TRP C 19 31.46 -5.36 -8.10
CA TRP C 19 30.34 -6.19 -7.73
C TRP C 19 29.61 -6.63 -8.99
N LEU C 20 28.78 -7.65 -8.84
CA LEU C 20 27.99 -8.15 -9.95
C LEU C 20 26.63 -7.49 -9.91
N GLU C 21 26.40 -6.54 -10.81
CA GLU C 21 25.07 -5.96 -10.94
C GLU C 21 24.09 -6.97 -11.50
N ALA C 22 24.60 -7.92 -12.28
CA ALA C 22 23.83 -9.00 -12.86
C ALA C 22 24.76 -10.19 -13.02
N PRO C 23 24.20 -11.39 -13.24
CA PRO C 23 25.08 -12.55 -13.48
C PRO C 23 26.08 -12.34 -14.61
N ASP C 24 25.74 -11.53 -15.62
CA ASP C 24 26.63 -11.28 -16.75
C ASP C 24 27.03 -9.81 -16.86
N LEU C 25 26.89 -9.04 -15.78
CA LEU C 25 27.22 -7.62 -15.80
C LEU C 25 28.04 -7.29 -14.57
N LEU C 26 29.25 -6.77 -14.78
CA LEU C 26 30.17 -6.38 -13.72
C LEU C 26 30.38 -4.87 -13.74
N LEU C 27 30.19 -4.24 -12.59
CA LEU C 27 30.31 -2.80 -12.44
C LEU C 27 31.48 -2.45 -11.52
N ALA C 28 32.13 -1.32 -11.82
CA ALA C 28 33.28 -0.86 -11.05
C ALA C 28 33.08 0.60 -10.66
N GLU C 29 33.74 0.98 -9.56
CA GLU C 29 33.70 2.34 -9.04
C GLU C 29 35.06 2.67 -8.44
N VAL C 30 35.81 3.55 -9.10
CA VAL C 30 37.10 3.98 -8.60
C VAL C 30 36.95 5.40 -8.04
N ASP C 31 37.41 5.60 -6.80
CA ASP C 31 37.30 6.88 -6.11
C ASP C 31 38.56 7.71 -6.38
N LEU C 32 38.39 8.84 -7.06
CA LEU C 32 39.51 9.72 -7.43
C LEU C 32 39.20 11.12 -6.95
N PRO C 33 39.33 11.38 -5.65
CA PRO C 33 38.96 12.72 -5.14
C PRO C 33 39.91 13.81 -5.59
N LYS C 34 41.22 13.54 -5.56
CA LYS C 34 42.21 14.50 -6.02
C LYS C 34 42.13 14.74 -7.52
N LEU C 35 41.32 13.97 -8.24
CA LEU C 35 41.16 14.12 -9.68
C LEU C 35 39.87 14.86 -9.98
N ASP C 36 39.88 15.59 -11.10
CA ASP C 36 38.67 16.23 -11.60
C ASP C 36 38.76 16.24 -13.11
N GLY C 37 37.75 15.67 -13.76
CA GLY C 37 37.73 15.62 -15.21
C GLY C 37 38.25 14.33 -15.80
N ALA C 38 37.56 13.84 -16.83
CA ALA C 38 38.00 12.63 -17.52
C ALA C 38 39.20 12.88 -18.41
N LEU C 39 39.49 14.13 -18.74
CA LEU C 39 40.66 14.43 -19.55
C LEU C 39 41.93 14.04 -18.80
N GLY C 40 42.87 13.45 -19.53
CA GLY C 40 44.09 12.97 -18.91
C GLY C 40 43.94 11.67 -18.15
N LEU C 41 42.88 10.91 -18.41
CA LEU C 41 42.66 9.63 -17.75
C LEU C 41 42.42 8.58 -18.83
N SER C 42 43.16 7.48 -18.76
CA SER C 42 43.05 6.39 -19.71
C SER C 42 42.65 5.11 -18.99
N LEU C 43 41.84 4.30 -19.67
CA LEU C 43 41.38 3.03 -19.12
C LEU C 43 41.55 1.94 -20.16
N GLU C 44 42.19 0.84 -19.76
CA GLU C 44 42.39 -0.31 -20.61
C GLU C 44 41.78 -1.52 -19.93
N ILE C 45 41.00 -2.30 -20.67
CA ILE C 45 40.31 -3.45 -20.12
C ILE C 45 40.65 -4.66 -20.98
N GLY C 46 41.15 -5.71 -20.33
CA GLY C 46 41.37 -6.99 -20.97
C GLY C 46 40.30 -7.98 -20.57
N GLU C 47 40.54 -9.24 -20.93
CA GLU C 47 39.61 -10.32 -20.60
C GLU C 47 39.58 -10.60 -19.09
N ASN C 48 40.70 -10.41 -18.40
CA ASN C 48 40.79 -10.64 -16.97
C ASN C 48 41.54 -9.50 -16.27
N ARG C 49 41.55 -8.32 -16.86
CA ARG C 49 42.40 -7.24 -16.37
C ARG C 49 41.72 -5.89 -16.58
N LEU C 50 42.06 -4.94 -15.72
CA LEU C 50 41.59 -3.56 -15.80
C LEU C 50 42.75 -2.64 -15.44
N VAL C 51 43.16 -1.79 -16.36
CA VAL C 51 44.31 -0.92 -16.15
C VAL C 51 43.86 0.53 -16.28
N MET C 52 44.03 1.30 -15.21
CA MET C 52 43.74 2.73 -15.21
C MET C 52 45.03 3.49 -14.99
N GLY C 53 45.44 4.27 -15.98
CA GLY C 53 46.66 5.05 -15.87
C GLY C 53 46.46 6.51 -16.19
N GLY C 54 46.86 6.91 -17.39
CA GLY C 54 46.80 8.30 -17.80
C GLY C 54 48.17 8.96 -17.82
N PRO C 55 48.23 10.20 -18.32
CA PRO C 55 49.52 10.90 -18.37
C PRO C 55 49.98 11.50 -17.03
N GLN C 56 49.03 11.87 -16.16
CA GLN C 56 49.41 12.60 -14.95
C GLN C 56 50.20 11.72 -13.97
N GLN C 57 50.00 10.41 -14.02
CA GLN C 57 50.57 9.48 -13.04
C GLN C 57 50.37 9.98 -11.61
N LEU C 58 49.18 10.50 -11.33
CA LEU C 58 48.77 10.80 -9.97
C LEU C 58 48.14 9.59 -9.32
N TYR C 59 47.33 8.85 -10.09
CA TYR C 59 46.72 7.60 -9.68
C TYR C 59 47.12 6.50 -10.65
N HIS C 60 47.10 5.26 -10.17
CA HIS C 60 47.36 4.09 -11.01
C HIS C 60 46.73 2.87 -10.38
N LEU C 61 46.06 2.05 -11.20
CA LEU C 61 45.39 0.85 -10.72
C LEU C 61 45.54 -0.22 -11.79
N ASP C 62 46.29 -1.27 -11.46
CA ASP C 62 46.50 -2.43 -12.33
C ASP C 62 45.95 -3.65 -11.59
N ALA C 63 44.71 -4.01 -11.87
CA ALA C 63 44.03 -5.08 -11.18
C ALA C 63 43.73 -6.23 -12.13
N TYR C 64 43.66 -7.43 -11.57
CA TYR C 64 43.32 -8.64 -12.30
C TYR C 64 41.99 -9.16 -11.76
N ILE C 65 41.06 -9.44 -12.67
CA ILE C 65 39.68 -9.77 -12.32
C ILE C 65 39.49 -11.27 -12.51
N PRO C 66 38.93 -11.98 -11.53
CA PRO C 66 38.63 -13.41 -11.65
C PRO C 66 37.33 -13.68 -12.42
N LEU C 67 37.21 -13.09 -13.60
CA LEU C 67 35.99 -13.21 -14.39
C LEU C 67 36.34 -13.05 -15.86
N GLN C 68 35.38 -13.35 -16.72
CA GLN C 68 35.56 -13.20 -18.17
CA GLN C 68 35.56 -13.20 -18.16
C GLN C 68 34.88 -11.91 -18.60
N ILE C 69 35.68 -10.88 -18.83
CA ILE C 69 35.18 -9.56 -19.18
C ILE C 69 35.09 -9.45 -20.71
N ASN C 70 33.97 -8.92 -21.19
CA ASN C 70 33.85 -8.56 -22.60
C ASN C 70 34.46 -7.18 -22.79
N SER C 71 35.71 -7.14 -23.26
CA SER C 71 36.44 -5.88 -23.33
C SER C 71 35.88 -4.96 -24.42
N HIS C 72 35.27 -5.52 -25.47
CA HIS C 72 34.81 -4.67 -26.57
CA HIS C 72 34.81 -4.68 -26.57
C HIS C 72 33.53 -3.92 -26.21
N GLU C 73 32.64 -4.55 -25.46
CA GLU C 73 31.38 -3.93 -25.09
C GLU C 73 31.45 -3.22 -23.74
N SER C 74 32.64 -3.05 -23.18
CA SER C 74 32.78 -2.36 -21.91
C SER C 74 32.80 -0.86 -22.11
N LYS C 75 32.24 -0.13 -21.13
CA LYS C 75 32.15 1.33 -21.19
C LYS C 75 32.59 1.93 -19.86
N ALA C 76 32.93 3.22 -19.88
CA ALA C 76 33.39 3.93 -18.70
C ALA C 76 32.93 5.38 -18.75
N ALA C 77 32.97 6.02 -17.58
CA ALA C 77 32.55 7.42 -17.45
C ALA C 77 33.03 7.98 -16.13
N PHE C 78 33.51 9.22 -16.17
CA PHE C 78 33.93 9.94 -14.97
C PHE C 78 32.80 10.85 -14.49
N HIS C 79 32.32 10.61 -13.28
CA HIS C 79 31.31 11.46 -12.66
C HIS C 79 32.02 12.62 -11.99
N ARG C 80 31.65 13.85 -12.35
CA ARG C 80 32.38 15.01 -11.85
C ARG C 80 31.95 15.42 -10.45
N LYS C 81 30.67 15.25 -10.11
CA LYS C 81 30.21 15.60 -8.76
C LYS C 81 30.84 14.70 -7.71
N ARG C 82 30.88 13.39 -7.96
CA ARG C 82 31.44 12.41 -7.04
CA ARG C 82 31.46 12.45 -7.02
C ARG C 82 32.92 12.14 -7.28
N LYS C 83 33.50 12.68 -8.36
CA LYS C 83 34.92 12.47 -8.70
C LYS C 83 35.28 10.98 -8.74
N GLN C 84 34.37 10.18 -9.30
CA GLN C 84 34.50 8.73 -9.36
C GLN C 84 34.50 8.27 -10.81
N LEU C 85 35.29 7.22 -11.08
CA LEU C 85 35.30 6.56 -12.38
C LEU C 85 34.37 5.35 -12.31
N MET C 86 33.40 5.31 -13.21
CA MET C 86 32.41 4.25 -13.28
C MET C 86 32.68 3.43 -14.52
N VAL C 87 32.85 2.12 -14.34
CA VAL C 87 33.14 1.20 -15.44
C VAL C 87 32.01 0.18 -15.52
N ALA C 88 31.59 -0.16 -16.73
CA ALA C 88 30.53 -1.13 -16.96
C ALA C 88 31.07 -2.24 -17.84
N MET C 89 31.24 -3.43 -17.27
CA MET C 89 31.88 -4.57 -17.94
C MET C 89 30.94 -5.75 -18.10
N PRO C 90 30.29 -5.88 -19.26
CA PRO C 90 29.53 -7.11 -19.52
C PRO C 90 30.45 -8.32 -19.55
N LEU C 91 29.93 -9.44 -19.07
CA LEU C 91 30.67 -10.68 -18.98
C LEU C 91 30.46 -11.55 -20.21
N LEU C 92 31.44 -12.39 -20.49
CA LEU C 92 31.39 -13.33 -21.61
C LEU C 92 30.52 -14.53 -21.26
N PRO C 93 29.91 -15.17 -22.26
CA PRO C 93 29.02 -16.30 -22.00
C PRO C 93 29.75 -17.44 -21.31
N VAL C 94 29.07 -18.04 -20.34
CA VAL C 94 29.63 -19.10 -19.51
C VAL C 94 29.49 -20.45 -20.21
N PRO C 95 30.32 -21.43 -19.87
CA PRO C 95 30.14 -22.77 -20.45
C PRO C 95 28.88 -23.45 -19.94
N SER C 96 28.33 -24.33 -20.78
CA SER C 96 27.15 -25.11 -20.43
C SER C 96 27.47 -26.19 -19.39
N SER D 9 -12.88 -6.25 58.75
CA SER D 9 -13.17 -6.67 57.38
C SER D 9 -14.35 -5.89 56.83
N GLY D 10 -14.58 -6.00 55.52
CA GLY D 10 -15.67 -5.31 54.87
C GLY D 10 -15.57 -5.40 53.36
N PRO D 11 -16.61 -4.91 52.66
CA PRO D 11 -16.58 -4.93 51.20
C PRO D 11 -15.46 -4.03 50.67
N GLU D 12 -14.85 -4.45 49.56
CA GLU D 12 -13.74 -3.74 48.96
C GLU D 12 -14.20 -2.86 47.81
N LYS D 13 -13.49 -1.75 47.60
CA LYS D 13 -13.78 -0.85 46.50
C LYS D 13 -13.02 -1.30 45.26
N PRO D 14 -13.70 -1.63 44.18
CA PRO D 14 -13.04 -2.22 43.01
C PRO D 14 -12.30 -1.16 42.19
N HIS D 15 -11.65 -1.63 41.13
CA HIS D 15 -10.94 -0.76 40.20
C HIS D 15 -11.87 -0.37 39.06
N LEU D 16 -11.96 0.94 38.79
CA LEU D 16 -12.91 1.48 37.82
C LEU D 16 -12.19 2.16 36.67
N ASN D 17 -12.69 1.94 35.46
CA ASN D 17 -12.21 2.59 34.24
C ASN D 17 -13.32 3.43 33.63
N LEU D 18 -13.03 4.70 33.38
CA LEU D 18 -13.99 5.63 32.79
C LEU D 18 -13.36 6.34 31.60
N TRP D 19 -14.09 6.41 30.49
CA TRP D 19 -13.62 7.18 29.35
C TRP D 19 -14.81 7.54 28.47
N LEU D 20 -14.58 8.52 27.59
CA LEU D 20 -15.60 8.95 26.65
C LEU D 20 -15.38 8.22 25.34
N GLU D 21 -16.23 7.24 25.06
CA GLU D 21 -16.19 6.60 23.75
C GLU D 21 -16.69 7.53 22.65
N ALA D 22 -17.59 8.45 23.01
CA ALA D 22 -18.14 9.43 22.10
C ALA D 22 -18.48 10.67 22.91
N PRO D 23 -18.73 11.80 22.25
CA PRO D 23 -19.15 13.00 23.01
C PRO D 23 -20.35 12.77 23.89
N ASP D 24 -21.28 11.89 23.50
CA ASP D 24 -22.48 11.63 24.28
C ASP D 24 -22.54 10.19 24.78
N LEU D 25 -21.41 9.48 24.80
CA LEU D 25 -21.35 8.10 25.25
C LEU D 25 -20.21 7.94 26.24
N LEU D 26 -20.53 7.49 27.44
CA LEU D 26 -19.56 7.25 28.50
C LEU D 26 -19.54 5.76 28.82
N LEU D 27 -18.35 5.17 28.83
CA LEU D 27 -18.19 3.74 29.08
C LEU D 27 -17.46 3.51 30.39
N ALA D 28 -17.80 2.41 31.07
CA ALA D 28 -17.21 2.04 32.34
C ALA D 28 -16.77 0.59 32.32
N GLU D 29 -15.76 0.28 33.15
CA GLU D 29 -15.24 -1.07 33.31
C GLU D 29 -14.86 -1.28 34.77
N VAL D 30 -15.64 -2.10 35.48
CA VAL D 30 -15.38 -2.43 36.87
C VAL D 30 -14.82 -3.85 36.94
N ASP D 31 -13.71 -4.02 37.64
CA ASP D 31 -13.06 -5.31 37.76
C ASP D 31 -13.57 -6.05 38.99
N LEU D 32 -14.19 -7.22 38.78
CA LEU D 32 -14.76 -8.03 39.86
C LEU D 32 -14.23 -9.45 39.74
N PRO D 33 -12.98 -9.70 40.14
CA PRO D 33 -12.43 -11.06 39.98
C PRO D 33 -13.04 -12.07 40.93
N LYS D 34 -13.19 -11.71 42.21
CA LYS D 34 -13.80 -12.60 43.20
C LYS D 34 -15.28 -12.84 42.93
N LEU D 35 -15.89 -12.09 42.02
CA LEU D 35 -17.30 -12.24 41.70
C LEU D 35 -17.46 -13.08 40.43
N ASP D 36 -18.56 -13.83 40.38
CA ASP D 36 -18.90 -14.58 39.18
C ASP D 36 -20.41 -14.64 39.07
N GLY D 37 -20.95 -14.18 37.94
CA GLY D 37 -22.38 -14.17 37.71
C GLY D 37 -23.05 -12.86 38.03
N ALA D 38 -23.97 -12.43 37.17
CA ALA D 38 -24.69 -11.19 37.40
C ALA D 38 -25.75 -11.31 38.48
N LEU D 39 -26.17 -12.53 38.83
CA LEU D 39 -27.14 -12.71 39.91
C LEU D 39 -26.55 -12.24 41.24
N GLY D 40 -27.40 -11.58 42.04
CA GLY D 40 -26.95 -11.05 43.31
C GLY D 40 -26.13 -9.79 43.21
N LEU D 41 -26.16 -9.12 42.06
CA LEU D 41 -25.42 -7.89 41.85
C LEU D 41 -26.39 -6.83 41.34
N SER D 42 -26.37 -5.67 41.99
CA SER D 42 -27.25 -4.57 41.64
C SER D 42 -26.42 -3.37 41.21
N LEU D 43 -26.96 -2.62 40.27
CA LEU D 43 -26.32 -1.41 39.75
C LEU D 43 -27.34 -0.29 39.73
N GLU D 44 -26.97 0.84 40.32
CA GLU D 44 -27.82 2.02 40.33
C GLU D 44 -27.04 3.19 39.74
N ILE D 45 -27.67 3.91 38.82
CA ILE D 45 -27.05 5.03 38.11
C ILE D 45 -27.93 6.25 38.29
N GLY D 46 -27.34 7.33 38.81
CA GLY D 46 -28.01 8.61 38.89
C GLY D 46 -27.52 9.56 37.82
N GLU D 47 -27.90 10.83 37.97
CA GLU D 47 -27.48 11.83 37.00
C GLU D 47 -25.98 12.10 37.10
N ASN D 48 -25.41 12.03 38.30
CA ASN D 48 -23.99 12.27 38.53
C ASN D 48 -23.39 11.24 39.48
N ARG D 49 -23.95 10.04 39.53
CA ARG D 49 -23.58 9.07 40.55
C ARG D 49 -23.62 7.66 39.96
N LEU D 50 -22.82 6.76 40.54
CA LEU D 50 -22.79 5.35 40.15
C LEU D 50 -22.71 4.49 41.40
N VAL D 51 -23.72 3.66 41.60
CA VAL D 51 -23.83 2.82 42.80
C VAL D 51 -23.86 1.36 42.37
N MET D 52 -22.86 0.60 42.80
CA MET D 52 -22.79 -0.84 42.52
C MET D 52 -22.91 -1.60 43.84
N GLY D 53 -23.97 -2.38 43.97
CA GLY D 53 -24.18 -3.16 45.17
C GLY D 53 -24.42 -4.63 44.89
N GLN D 56 -25.54 -9.73 47.55
CA GLN D 56 -24.37 -10.10 48.34
C GLN D 56 -23.41 -8.92 48.46
N GLN D 57 -22.77 -8.81 49.62
CA GLN D 57 -21.94 -7.66 49.99
C GLN D 57 -20.45 -7.94 49.85
N LEU D 58 -20.03 -8.51 48.71
CA LEU D 58 -18.60 -8.68 48.51
C LEU D 58 -17.94 -7.40 48.02
N TYR D 59 -18.59 -6.67 47.11
CA TYR D 59 -18.10 -5.40 46.61
C TYR D 59 -19.15 -4.31 46.79
N HIS D 60 -18.67 -3.07 46.83
CA HIS D 60 -19.54 -1.90 46.89
C HIS D 60 -18.77 -0.72 46.31
N LEU D 61 -19.46 0.07 45.48
CA LEU D 61 -18.82 1.18 44.78
C LEU D 61 -19.81 2.34 44.69
N ASP D 62 -19.51 3.45 45.37
CA ASP D 62 -20.32 4.66 45.35
C ASP D 62 -19.45 5.79 44.78
N ALA D 63 -19.56 6.03 43.48
CA ALA D 63 -18.74 7.00 42.78
C ALA D 63 -19.59 8.17 42.28
N TYR D 64 -18.93 9.32 42.11
CA TYR D 64 -19.56 10.52 41.58
C TYR D 64 -18.91 10.89 40.26
N ILE D 65 -19.72 11.06 39.23
CA ILE D 65 -19.25 11.29 37.86
C ILE D 65 -19.51 12.75 37.50
N PRO D 66 -18.50 13.48 37.03
CA PRO D 66 -18.67 14.89 36.64
C PRO D 66 -19.28 15.08 35.25
N LEU D 67 -20.36 14.36 34.96
CA LEU D 67 -21.02 14.37 33.67
C LEU D 67 -22.49 14.06 33.87
N GLN D 68 -23.32 14.50 32.92
CA GLN D 68 -24.76 14.32 33.00
CA GLN D 68 -24.77 14.33 32.99
C GLN D 68 -25.14 13.02 32.30
N ILE D 69 -25.53 12.03 33.10
CA ILE D 69 -25.80 10.67 32.61
C ILE D 69 -27.28 10.48 32.34
N ASN D 70 -27.59 9.87 31.21
CA ASN D 70 -28.96 9.46 30.90
C ASN D 70 -29.19 8.11 31.58
N SER D 71 -29.82 8.13 32.75
CA SER D 71 -29.97 6.91 33.52
C SER D 71 -30.96 5.95 32.86
N HIS D 72 -32.02 6.46 32.24
CA HIS D 72 -33.03 5.57 31.68
C HIS D 72 -32.47 4.74 30.53
N GLU D 73 -31.64 5.34 29.67
CA GLU D 73 -31.12 4.62 28.52
C GLU D 73 -29.76 3.97 28.77
N SER D 74 -29.33 3.86 30.03
CA SER D 74 -28.08 3.21 30.36
C SER D 74 -28.26 1.69 30.44
N LYS D 75 -27.21 0.96 30.06
CA LYS D 75 -27.22 -0.50 30.09
C LYS D 75 -25.92 -1.01 30.72
N ALA D 76 -25.95 -2.26 31.16
CA ALA D 76 -24.79 -2.87 31.81
C ALA D 76 -24.76 -4.36 31.50
N ALA D 77 -23.60 -4.97 31.75
CA ALA D 77 -23.42 -6.39 31.48
C ALA D 77 -22.18 -6.89 32.21
N PHE D 78 -22.28 -8.09 32.79
CA PHE D 78 -21.17 -8.73 33.47
C PHE D 78 -20.49 -9.72 32.53
N HIS D 79 -19.22 -9.47 32.22
CA HIS D 79 -18.45 -10.37 31.36
C HIS D 79 -17.86 -11.47 32.23
N ARG D 80 -18.18 -12.72 31.90
CA ARG D 80 -17.80 -13.84 32.74
C ARG D 80 -16.35 -14.26 32.50
N LYS D 81 -15.90 -14.20 31.25
CA LYS D 81 -14.54 -14.61 30.93
C LYS D 81 -13.52 -13.67 31.56
N ARG D 82 -13.78 -12.36 31.52
CA ARG D 82 -12.85 -11.35 32.01
C ARG D 82 -13.18 -10.83 33.40
N LYS D 83 -14.27 -11.31 34.02
CA LYS D 83 -14.62 -10.96 35.40
C LYS D 83 -14.82 -9.46 35.55
N GLN D 84 -15.43 -8.83 34.54
CA GLN D 84 -15.61 -7.38 34.50
C GLN D 84 -17.09 -7.01 34.37
N LEU D 85 -17.45 -5.90 35.00
CA LEU D 85 -18.76 -5.29 34.81
C LEU D 85 -18.61 -4.13 33.83
N MET D 86 -19.34 -4.18 32.72
CA MET D 86 -19.25 -3.17 31.67
C MET D 86 -20.53 -2.35 31.65
N VAL D 87 -20.38 -1.03 31.74
CA VAL D 87 -21.52 -0.12 31.78
C VAL D 87 -21.45 0.81 30.58
N ALA D 88 -22.63 1.07 30.00
CA ALA D 88 -22.77 1.96 28.85
C ALA D 88 -23.74 3.07 29.24
N MET D 89 -23.22 4.29 29.42
CA MET D 89 -24.01 5.41 29.92
C MET D 89 -24.10 6.49 28.87
N PRO D 90 -25.18 6.55 28.10
CA PRO D 90 -25.39 7.70 27.20
C PRO D 90 -25.52 8.98 28.02
N LEU D 91 -25.01 10.06 27.46
CA LEU D 91 -25.02 11.35 28.14
C LEU D 91 -26.25 12.16 27.74
N LEU D 92 -26.72 13.00 28.67
CA LEU D 92 -27.85 13.88 28.41
C LEU D 92 -27.41 15.10 27.61
N PRO D 93 -28.31 15.67 26.81
CA PRO D 93 -27.91 16.83 25.99
C PRO D 93 -27.46 17.97 26.88
N VAL D 94 -26.38 18.62 26.44
CA VAL D 94 -25.74 19.67 27.23
C VAL D 94 -26.51 20.97 27.03
N PRO D 95 -26.40 21.93 27.95
CA PRO D 95 -27.06 23.21 27.74
C PRO D 95 -26.43 23.95 26.56
N SER D 96 -27.25 24.76 25.90
CA SER D 96 -26.80 25.55 24.76
C SER D 96 -25.86 26.66 25.20
CA CA E . -4.21 -0.02 -3.42
#